data_6CB9
# 
_entry.id   6CB9 
# 
_audit_conform.dict_name       mmcif_pdbx.dic 
_audit_conform.dict_version    5.387 
_audit_conform.dict_location   http://mmcif.pdb.org/dictionaries/ascii/mmcif_pdbx.dic 
# 
loop_
_database_2.database_id 
_database_2.database_code 
_database_2.pdbx_database_accession 
_database_2.pdbx_DOI 
PDB   6CB9         pdb_00006cb9 10.2210/pdb6cb9/pdb 
WWPDB D_1000232481 ?            ?                   
# 
loop_
_pdbx_audit_revision_history.ordinal 
_pdbx_audit_revision_history.data_content_type 
_pdbx_audit_revision_history.major_revision 
_pdbx_audit_revision_history.minor_revision 
_pdbx_audit_revision_history.revision_date 
1 'Structure model' 1 0 2018-04-18 
2 'Structure model' 1 1 2018-06-06 
3 'Structure model' 1 2 2018-06-13 
4 'Structure model' 1 3 2019-12-18 
5 'Structure model' 1 4 2024-03-13 
# 
_pdbx_audit_revision_details.ordinal             1 
_pdbx_audit_revision_details.revision_ordinal    1 
_pdbx_audit_revision_details.data_content_type   'Structure model' 
_pdbx_audit_revision_details.provider            repository 
_pdbx_audit_revision_details.type                'Initial release' 
_pdbx_audit_revision_details.description         ? 
_pdbx_audit_revision_details.details             ? 
# 
loop_
_pdbx_audit_revision_group.ordinal 
_pdbx_audit_revision_group.revision_ordinal 
_pdbx_audit_revision_group.data_content_type 
_pdbx_audit_revision_group.group 
1 2 'Structure model' 'Data collection'            
2 2 'Structure model' 'Database references'        
3 3 'Structure model' 'Data collection'            
4 3 'Structure model' 'Database references'        
5 4 'Structure model' 'Author supporting evidence' 
6 5 'Structure model' 'Data collection'            
7 5 'Structure model' 'Database references'        
# 
loop_
_pdbx_audit_revision_category.ordinal 
_pdbx_audit_revision_category.revision_ordinal 
_pdbx_audit_revision_category.data_content_type 
_pdbx_audit_revision_category.category 
1 2 'Structure model' citation           
2 2 'Structure model' citation_author    
3 3 'Structure model' citation           
4 4 'Structure model' pdbx_audit_support 
5 5 'Structure model' chem_comp_atom     
6 5 'Structure model' chem_comp_bond     
7 5 'Structure model' database_2         
# 
loop_
_pdbx_audit_revision_item.ordinal 
_pdbx_audit_revision_item.revision_ordinal 
_pdbx_audit_revision_item.data_content_type 
_pdbx_audit_revision_item.item 
1  2 'Structure model' '_citation.journal_abbrev'                 
2  2 'Structure model' '_citation.pdbx_database_id_DOI'           
3  2 'Structure model' '_citation.pdbx_database_id_PubMed'        
4  2 'Structure model' '_citation.title'                          
5  3 'Structure model' '_citation.journal_volume'                 
6  3 'Structure model' '_citation.page_first'                     
7  3 'Structure model' '_citation.page_last'                      
8  4 'Structure model' '_pdbx_audit_support.funding_organization' 
9  5 'Structure model' '_database_2.pdbx_DOI'                     
10 5 'Structure model' '_database_2.pdbx_database_accession'      
# 
_pdbx_database_status.status_code                     REL 
_pdbx_database_status.status_code_sf                  REL 
_pdbx_database_status.status_code_mr                  ? 
_pdbx_database_status.entry_id                        6CB9 
_pdbx_database_status.recvd_initial_deposition_date   2018-02-02 
_pdbx_database_status.SG_entry                        N 
_pdbx_database_status.deposit_site                    RCSB 
_pdbx_database_status.process_site                    RCSB 
_pdbx_database_status.status_code_cs                  ? 
_pdbx_database_status.methods_development_category    ? 
_pdbx_database_status.pdb_format_compatible           Y 
_pdbx_database_status.status_code_nmr_data            ? 
# 
loop_
_pdbx_database_related.db_name 
_pdbx_database_related.details 
_pdbx_database_related.db_id 
_pdbx_database_related.content_type 
PDB . 5WKD unspecified 
PDB . 5WIA unspecified 
PDB . 5WIQ unspecified 
# 
loop_
_audit_author.name 
_audit_author.pdbx_ordinal 
_audit_author.identifier_ORCID 
'Guenther, E.L.'  1 ? 
'Cao, Q.'         2 ? 
'Lu, J.'          3 ? 
'Sawaya, M.R.'    4 ? 
'Eisenberg, D.S.' 5 ? 
# 
_citation.abstract                  ? 
_citation.abstract_id_CAS           ? 
_citation.book_id_ISBN              ? 
_citation.book_publisher            ? 
_citation.book_publisher_city       ? 
_citation.book_title                ? 
_citation.coordinate_linkage        ? 
_citation.country                   US 
_citation.database_id_Medline       ? 
_citation.details                   ? 
_citation.id                        primary 
_citation.journal_abbrev            'Nat. Struct. Mol. Biol.' 
_citation.journal_id_ASTM           ? 
_citation.journal_id_CSD            ? 
_citation.journal_id_ISSN           1545-9985 
_citation.journal_full              ? 
_citation.journal_issue             ? 
_citation.journal_volume            25 
_citation.language                  ? 
_citation.page_first                463 
_citation.page_last                 471 
_citation.title                     
'Atomic structures of TDP-43 LCD segments and insights into reversible or pathogenic aggregation.' 
_citation.year                      2018 
_citation.database_id_CSD           ? 
_citation.pdbx_database_id_DOI      10.1038/s41594-018-0064-2 
_citation.pdbx_database_id_PubMed   29786080 
_citation.unpublished_flag          ? 
# 
loop_
_citation_author.citation_id 
_citation_author.name 
_citation_author.ordinal 
_citation_author.identifier_ORCID 
primary 'Guenther, E.L.'  1  ? 
primary 'Cao, Q.'         2  ? 
primary 'Trinh, H.'       3  ? 
primary 'Lu, J.'          4  ? 
primary 'Sawaya, M.R.'    5  ? 
primary 'Cascio, D.'      6  ? 
primary 'Boyer, D.R.'     7  ? 
primary 'Rodriguez, J.A.' 8  ? 
primary 'Hughes, M.P.'    9  ? 
primary 'Eisenberg, D.S.' 10 ? 
# 
loop_
_entity.id 
_entity.type 
_entity.src_method 
_entity.pdbx_description 
_entity.formula_weight 
_entity.pdbx_number_of_molecules 
_entity.pdbx_ec 
_entity.pdbx_mutation 
_entity.pdbx_fragment 
_entity.details 
1 polymer syn AALQSS 575.613 1 ? ? 'residues 328-333' ? 
2 water   nat water  18.015  4 ? ? ?                  ? 
# 
_entity_poly.entity_id                      1 
_entity_poly.type                           'polypeptide(L)' 
_entity_poly.nstd_linkage                   no 
_entity_poly.nstd_monomer                   no 
_entity_poly.pdbx_seq_one_letter_code       AALQSS 
_entity_poly.pdbx_seq_one_letter_code_can   AALQSS 
_entity_poly.pdbx_strand_id                 A 
_entity_poly.pdbx_target_identifier         ? 
# 
_pdbx_entity_nonpoly.entity_id   2 
_pdbx_entity_nonpoly.name        water 
_pdbx_entity_nonpoly.comp_id     HOH 
# 
loop_
_entity_poly_seq.entity_id 
_entity_poly_seq.num 
_entity_poly_seq.mon_id 
_entity_poly_seq.hetero 
1 1 ALA n 
1 2 ALA n 
1 3 LEU n 
1 4 GLN n 
1 5 SER n 
1 6 SER n 
# 
_pdbx_entity_src_syn.entity_id              1 
_pdbx_entity_src_syn.pdbx_src_id            1 
_pdbx_entity_src_syn.pdbx_alt_source_flag   sample 
_pdbx_entity_src_syn.pdbx_beg_seq_num       1 
_pdbx_entity_src_syn.pdbx_end_seq_num       6 
_pdbx_entity_src_syn.organism_scientific    'Homo sapiens' 
_pdbx_entity_src_syn.organism_common_name   ? 
_pdbx_entity_src_syn.ncbi_taxonomy_id       9606 
_pdbx_entity_src_syn.details                'Synthetic peptide AALQSS corresponding tosegment 328-333 of TDP-43' 
# 
loop_
_chem_comp.id 
_chem_comp.type 
_chem_comp.mon_nstd_flag 
_chem_comp.name 
_chem_comp.pdbx_synonyms 
_chem_comp.formula 
_chem_comp.formula_weight 
ALA 'L-peptide linking' y ALANINE   ? 'C3 H7 N O2'   89.093  
GLN 'L-peptide linking' y GLUTAMINE ? 'C5 H10 N2 O3' 146.144 
HOH non-polymer         . WATER     ? 'H2 O'         18.015  
LEU 'L-peptide linking' y LEUCINE   ? 'C6 H13 N O2'  131.173 
SER 'L-peptide linking' y SERINE    ? 'C3 H7 N O3'   105.093 
# 
loop_
_pdbx_poly_seq_scheme.asym_id 
_pdbx_poly_seq_scheme.entity_id 
_pdbx_poly_seq_scheme.seq_id 
_pdbx_poly_seq_scheme.mon_id 
_pdbx_poly_seq_scheme.ndb_seq_num 
_pdbx_poly_seq_scheme.pdb_seq_num 
_pdbx_poly_seq_scheme.auth_seq_num 
_pdbx_poly_seq_scheme.pdb_mon_id 
_pdbx_poly_seq_scheme.auth_mon_id 
_pdbx_poly_seq_scheme.pdb_strand_id 
_pdbx_poly_seq_scheme.pdb_ins_code 
_pdbx_poly_seq_scheme.hetero 
A 1 1 ALA 1 328 328 ALA ALA A . n 
A 1 2 ALA 2 329 329 ALA ALA A . n 
A 1 3 LEU 3 330 330 LEU LEU A . n 
A 1 4 GLN 4 331 331 GLN GLN A . n 
A 1 5 SER 5 332 332 SER SER A . n 
A 1 6 SER 6 333 333 SER SER A . n 
# 
loop_
_pdbx_nonpoly_scheme.asym_id 
_pdbx_nonpoly_scheme.entity_id 
_pdbx_nonpoly_scheme.mon_id 
_pdbx_nonpoly_scheme.ndb_seq_num 
_pdbx_nonpoly_scheme.pdb_seq_num 
_pdbx_nonpoly_scheme.auth_seq_num 
_pdbx_nonpoly_scheme.pdb_mon_id 
_pdbx_nonpoly_scheme.auth_mon_id 
_pdbx_nonpoly_scheme.pdb_strand_id 
_pdbx_nonpoly_scheme.pdb_ins_code 
B 2 HOH 1 401 2 HOH HOH A . 
B 2 HOH 2 402 1 HOH HOH A . 
B 2 HOH 3 403 4 HOH HOH A . 
B 2 HOH 4 404 3 HOH HOH A . 
# 
loop_
_software.citation_id 
_software.classification 
_software.compiler_name 
_software.compiler_version 
_software.contact_author 
_software.contact_author_email 
_software.date 
_software.description 
_software.dependencies 
_software.hardware 
_software.language 
_software.location 
_software.mods 
_software.name 
_software.os 
_software.os_version 
_software.type 
_software.version 
_software.pdbx_ordinal 
? 'data reduction'  ? ? ? ? ? ? ? ? ? ? ? XDS         ? ? ? .    1 
? 'data scaling'    ? ? ? ? ? ? ? ? ? ? ? XSCALE      ? ? ? .    2 
? refinement        ? ? ? ? ? ? ? ? ? ? ? REFMAC      ? ? ? .    3 
? 'data extraction' ? ? ? ? ? ? ? ? ? ? ? PDB_EXTRACT ? ? ? 3.24 4 
? phasing           ? ? ? ? ? ? ? ? ? ? ? SHELXD      ? ? ? .    5 
# 
_cell.angle_alpha                  90.000 
_cell.angle_alpha_esd              ? 
_cell.angle_beta                   90.000 
_cell.angle_beta_esd               ? 
_cell.angle_gamma                  90.000 
_cell.angle_gamma_esd              ? 
_cell.entry_id                     6CB9 
_cell.details                      ? 
_cell.formula_units_Z              ? 
_cell.length_a                     4.790 
_cell.length_a_esd                 ? 
_cell.length_b                     15.970 
_cell.length_b_esd                 ? 
_cell.length_c                     42.430 
_cell.length_c_esd                 ? 
_cell.volume                       ? 
_cell.volume_esd                   ? 
_cell.Z_PDB                        4 
_cell.reciprocal_angle_alpha       ? 
_cell.reciprocal_angle_beta        ? 
_cell.reciprocal_angle_gamma       ? 
_cell.reciprocal_angle_alpha_esd   ? 
_cell.reciprocal_angle_beta_esd    ? 
_cell.reciprocal_angle_gamma_esd   ? 
_cell.reciprocal_length_a          ? 
_cell.reciprocal_length_b          ? 
_cell.reciprocal_length_c          ? 
_cell.reciprocal_length_a_esd      ? 
_cell.reciprocal_length_b_esd      ? 
_cell.reciprocal_length_c_esd      ? 
_cell.pdbx_unique_axis             ? 
# 
_symmetry.entry_id                         6CB9 
_symmetry.cell_setting                     ? 
_symmetry.Int_Tables_number                19 
_symmetry.space_group_name_Hall            ? 
_symmetry.space_group_name_H-M             'P 21 21 21' 
_symmetry.pdbx_full_space_group_name_H-M   ? 
# 
_exptl.absorpt_coefficient_mu     ? 
_exptl.absorpt_correction_T_max   ? 
_exptl.absorpt_correction_T_min   ? 
_exptl.absorpt_correction_type    ? 
_exptl.absorpt_process_details    ? 
_exptl.entry_id                   6CB9 
_exptl.crystals_number            1 
_exptl.details                    ? 
_exptl.method                     'X-RAY DIFFRACTION' 
_exptl.method_details             ? 
# 
_exptl_crystal.colour                      ? 
_exptl_crystal.density_diffrn              ? 
_exptl_crystal.density_Matthews            1.41 
_exptl_crystal.density_method              ? 
_exptl_crystal.density_percent_sol         12.75 
_exptl_crystal.description                 ? 
_exptl_crystal.F_000                       ? 
_exptl_crystal.id                          1 
_exptl_crystal.preparation                 ? 
_exptl_crystal.size_max                    ? 
_exptl_crystal.size_mid                    ? 
_exptl_crystal.size_min                    ? 
_exptl_crystal.size_rad                    ? 
_exptl_crystal.colour_lustre               ? 
_exptl_crystal.colour_modifier             ? 
_exptl_crystal.colour_primary              ? 
_exptl_crystal.density_meas                ? 
_exptl_crystal.density_meas_esd            ? 
_exptl_crystal.density_meas_gt             ? 
_exptl_crystal.density_meas_lt             ? 
_exptl_crystal.density_meas_temp           ? 
_exptl_crystal.density_meas_temp_esd       ? 
_exptl_crystal.density_meas_temp_gt        ? 
_exptl_crystal.density_meas_temp_lt        ? 
_exptl_crystal.pdbx_crystal_image_url      ? 
_exptl_crystal.pdbx_crystal_image_format   ? 
_exptl_crystal.pdbx_mosaicity              ? 
_exptl_crystal.pdbx_mosaicity_esd          ? 
# 
_exptl_crystal_grow.apparatus       ? 
_exptl_crystal_grow.atmosphere      ? 
_exptl_crystal_grow.crystal_id      1 
_exptl_crystal_grow.details         ? 
_exptl_crystal_grow.method          'VAPOR DIFFUSION, HANGING DROP' 
_exptl_crystal_grow.method_ref      ? 
_exptl_crystal_grow.pH              8.5 
_exptl_crystal_grow.pressure        ? 
_exptl_crystal_grow.pressure_esd    ? 
_exptl_crystal_grow.seeding         ? 
_exptl_crystal_grow.seeding_ref     ? 
_exptl_crystal_grow.temp            298 
_exptl_crystal_grow.temp_details    ? 
_exptl_crystal_grow.temp_esd        ? 
_exptl_crystal_grow.time            ? 
_exptl_crystal_grow.pdbx_details    '0.01 M Nickel Chloride hexahydrate, 0.1 M Tris pH 8.5, 20% (w/v) PEG 2000' 
_exptl_crystal_grow.pdbx_pH_range   ? 
# 
_diffrn.ambient_environment    ? 
_diffrn.ambient_temp           100 
_diffrn.ambient_temp_details   ? 
_diffrn.ambient_temp_esd       ? 
_diffrn.crystal_id             1 
_diffrn.crystal_support        ? 
_diffrn.crystal_treatment      ? 
_diffrn.details                ? 
_diffrn.id                     1 
_diffrn.ambient_pressure       ? 
_diffrn.ambient_pressure_esd   ? 
_diffrn.ambient_pressure_gt    ? 
_diffrn.ambient_pressure_lt    ? 
_diffrn.ambient_temp_gt        ? 
_diffrn.ambient_temp_lt        ? 
# 
_diffrn_detector.details                      ? 
_diffrn_detector.detector                     PIXEL 
_diffrn_detector.diffrn_id                    1 
_diffrn_detector.type                         'DECTRIS EIGER X 16M' 
_diffrn_detector.area_resol_mean              ? 
_diffrn_detector.dtime                        ? 
_diffrn_detector.pdbx_frames_total            ? 
_diffrn_detector.pdbx_collection_time_total   ? 
_diffrn_detector.pdbx_collection_date         2017-10-25 
# 
_diffrn_radiation.collimation                      ? 
_diffrn_radiation.diffrn_id                        1 
_diffrn_radiation.filter_edge                      ? 
_diffrn_radiation.inhomogeneity                    ? 
_diffrn_radiation.monochromator                    ? 
_diffrn_radiation.polarisn_norm                    ? 
_diffrn_radiation.polarisn_ratio                   ? 
_diffrn_radiation.probe                            ? 
_diffrn_radiation.type                             ? 
_diffrn_radiation.xray_symbol                      ? 
_diffrn_radiation.wavelength_id                    1 
_diffrn_radiation.pdbx_monochromatic_or_laue_m_l   M 
_diffrn_radiation.pdbx_wavelength_list             ? 
_diffrn_radiation.pdbx_wavelength                  ? 
_diffrn_radiation.pdbx_diffrn_protocol             'SINGLE WAVELENGTH' 
_diffrn_radiation.pdbx_analyzer                    ? 
_diffrn_radiation.pdbx_scattering_type             x-ray 
# 
_diffrn_radiation_wavelength.id           1 
_diffrn_radiation_wavelength.wavelength   0.9791 
_diffrn_radiation_wavelength.wt           1.0 
# 
_diffrn_source.current                     ? 
_diffrn_source.details                     ? 
_diffrn_source.diffrn_id                   1 
_diffrn_source.power                       ? 
_diffrn_source.size                        ? 
_diffrn_source.source                      SYNCHROTRON 
_diffrn_source.target                      ? 
_diffrn_source.type                        'APS BEAMLINE 24-ID-E' 
_diffrn_source.voltage                     ? 
_diffrn_source.take-off_angle              ? 
_diffrn_source.pdbx_wavelength_list        0.9791 
_diffrn_source.pdbx_wavelength             ? 
_diffrn_source.pdbx_synchrotron_beamline   24-ID-E 
_diffrn_source.pdbx_synchrotron_site       APS 
# 
_reflns.B_iso_Wilson_estimate            9.922 
_reflns.entry_id                         6CB9 
_reflns.data_reduction_details           ? 
_reflns.data_reduction_method            ? 
_reflns.d_resolution_high                1.100 
_reflns.d_resolution_low                 21.220 
_reflns.details                          ? 
_reflns.limit_h_max                      ? 
_reflns.limit_h_min                      ? 
_reflns.limit_k_max                      ? 
_reflns.limit_k_min                      ? 
_reflns.limit_l_max                      ? 
_reflns.limit_l_min                      ? 
_reflns.number_all                       ? 
_reflns.number_obs                       1432 
_reflns.observed_criterion               ? 
_reflns.observed_criterion_F_max         ? 
_reflns.observed_criterion_F_min         ? 
_reflns.observed_criterion_I_max         ? 
_reflns.observed_criterion_I_min         ? 
_reflns.observed_criterion_sigma_F       ? 
_reflns.observed_criterion_sigma_I       ? 
_reflns.percent_possible_obs             90.700 
_reflns.R_free_details                   ? 
_reflns.Rmerge_F_all                     ? 
_reflns.Rmerge_F_obs                     ? 
_reflns.Friedel_coverage                 ? 
_reflns.number_gt                        ? 
_reflns.threshold_expression             ? 
_reflns.pdbx_redundancy                  6.853 
_reflns.pdbx_Rmerge_I_obs                0.211 
_reflns.pdbx_Rmerge_I_all                ? 
_reflns.pdbx_Rsym_value                  ? 
_reflns.pdbx_netI_over_av_sigmaI         ? 
_reflns.pdbx_netI_over_sigmaI            5.120 
_reflns.pdbx_res_netI_over_av_sigmaI_2   ? 
_reflns.pdbx_res_netI_over_sigmaI_2      ? 
_reflns.pdbx_chi_squared                 0.717 
_reflns.pdbx_scaling_rejects             ? 
_reflns.pdbx_d_res_high_opt              ? 
_reflns.pdbx_d_res_low_opt               ? 
_reflns.pdbx_d_res_opt_method            ? 
_reflns.phase_calculation_details        ? 
_reflns.pdbx_Rrim_I_all                  0.230 
_reflns.pdbx_Rpim_I_all                  ? 
_reflns.pdbx_d_opt                       ? 
_reflns.pdbx_number_measured_all         ? 
_reflns.pdbx_diffrn_id                   1 
_reflns.pdbx_ordinal                     1 
_reflns.pdbx_CC_half                     0.970 
_reflns.pdbx_R_split                     ? 
# 
loop_
_reflns_shell.d_res_high 
_reflns_shell.d_res_low 
_reflns_shell.meanI_over_sigI_all 
_reflns_shell.meanI_over_sigI_obs 
_reflns_shell.number_measured_all 
_reflns_shell.number_measured_obs 
_reflns_shell.number_possible 
_reflns_shell.number_unique_all 
_reflns_shell.number_unique_obs 
_reflns_shell.percent_possible_all 
_reflns_shell.percent_possible_obs 
_reflns_shell.Rmerge_F_all 
_reflns_shell.Rmerge_F_obs 
_reflns_shell.Rmerge_I_all 
_reflns_shell.Rmerge_I_obs 
_reflns_shell.meanI_over_sigI_gt 
_reflns_shell.meanI_over_uI_all 
_reflns_shell.meanI_over_uI_gt 
_reflns_shell.number_measured_gt 
_reflns_shell.number_unique_gt 
_reflns_shell.percent_possible_gt 
_reflns_shell.Rmerge_F_gt 
_reflns_shell.Rmerge_I_gt 
_reflns_shell.pdbx_redundancy 
_reflns_shell.pdbx_Rsym_value 
_reflns_shell.pdbx_chi_squared 
_reflns_shell.pdbx_netI_over_sigmaI_all 
_reflns_shell.pdbx_netI_over_sigmaI_obs 
_reflns_shell.pdbx_Rrim_I_all 
_reflns_shell.pdbx_Rpim_I_all 
_reflns_shell.pdbx_rejects 
_reflns_shell.pdbx_ordinal 
_reflns_shell.pdbx_diffrn_id 
_reflns_shell.pdbx_CC_half 
_reflns_shell.pdbx_R_split 
1.100 1.140  ? 2.820 ? ? ? ? 119 72.100  ? ? ? ? 0.562 ? ? ? ? ? ? ? ? 7.252 ? ? ? ? 0.605 ? ? 1  1 0.913 ? 
1.140 1.190  ? 2.970 ? ? ? ? 131 78.400  ? ? ? ? 0.548 ? ? ? ? ? ? ? ? 7.282 ? ? ? ? 0.590 ? ? 2  1 0.844 ? 
1.190 1.240  ? 3.720 ? ? ? ? 124 93.200  ? ? ? ? 0.437 ? ? ? ? ? ? ? ? 7.363 ? ? ? ? 0.470 ? ? 3  1 0.864 ? 
1.240 1.300  ? 4.150 ? ? ? ? 125 100.000 ? ? ? ? 0.319 ? ? ? ? ? ? ? ? 6.920 ? ? ? ? 0.343 ? ? 4  1 0.973 ? 
1.300 1.370  ? 4.580 ? ? ? ? 137 100.000 ? ? ? ? 0.339 ? ? ? ? ? ? ? ? 7.358 ? ? ? ? 0.365 ? ? 5  1 0.927 ? 
1.370 1.460  ? 4.460 ? ? ? ? 132 99.200  ? ? ? ? 0.346 ? ? ? ? ? ? ? ? 6.848 ? ? ? ? 0.375 ? ? 6  1 0.908 ? 
1.460 1.560  ? 5.230 ? ? ? ? 108 85.000  ? ? ? ? 0.291 ? ? ? ? ? ? ? ? 7.065 ? ? ? ? 0.311 ? ? 7  1 0.960 ? 
1.560 1.680  ? 6.040 ? ? ? ? 99  86.100  ? ? ? ? 0.229 ? ? ? ? ? ? ? ? 6.758 ? ? ? ? 0.249 ? ? 8  1 0.964 ? 
1.680 1.840  ? 6.330 ? ? ? ? 95  96.900  ? ? ? ? 0.237 ? ? ? ? ? ? ? ? 7.084 ? ? ? ? 0.254 ? ? 9  1 0.960 ? 
1.840 2.060  ? 7.640 ? ? ? ? 101 99.000  ? ? ? ? 0.182 ? ? ? ? ? ? ? ? 6.980 ? ? ? ? 0.195 ? ? 10 1 0.985 ? 
2.060 2.380  ? 7.270 ? ? ? ? 96  96.000  ? ? ? ? 0.195 ? ? ? ? ? ? ? ? 6.521 ? ? ? ? 0.210 ? ? 11 1 0.984 ? 
2.380 2.910  ? 7.120 ? ? ? ? 59  90.800  ? ? ? ? 0.183 ? ? ? ? ? ? ? ? 5.424 ? ? ? ? 0.203 ? ? 12 1 0.977 ? 
2.910 4.120  ? 7.600 ? ? ? ? 67  93.100  ? ? ? ? 0.154 ? ? ? ? ? ? ? ? 5.985 ? ? ? ? 0.173 ? ? 13 1 0.966 ? 
4.120 21.220 ? 6.350 ? ? ? ? 39  100.000 ? ? ? ? 0.141 ? ? ? ? ? ? ? ? 3.821 ? ? ? ? 0.161 ? ? 14 1 0.973 ? 
# 
_refine.aniso_B[1][1]                            -0.1800 
_refine.aniso_B[1][2]                            -0.0000 
_refine.aniso_B[1][3]                            0.0000 
_refine.aniso_B[2][2]                            0.3800 
_refine.aniso_B[2][3]                            -0.0000 
_refine.aniso_B[3][3]                            -0.2000 
_refine.B_iso_max                                25.290 
_refine.B_iso_mean                               7.2400 
_refine.B_iso_min                                3.250 
_refine.correlation_coeff_Fo_to_Fc               0.9630 
_refine.correlation_coeff_Fo_to_Fc_free          0.8970 
_refine.details                                  
'HYDROGENS HAVE BEEN ADDED IN THE RIDING POSITIONS U VALUES      : REFINED INDIVIDUALLY' 
_refine.diff_density_max                         ? 
_refine.diff_density_max_esd                     ? 
_refine.diff_density_min                         ? 
_refine.diff_density_min_esd                     ? 
_refine.diff_density_rms                         ? 
_refine.diff_density_rms_esd                     ? 
_refine.entry_id                                 6CB9 
_refine.pdbx_refine_id                           'X-RAY DIFFRACTION' 
_refine.ls_abs_structure_details                 ? 
_refine.ls_abs_structure_Flack                   ? 
_refine.ls_abs_structure_Flack_esd               ? 
_refine.ls_abs_structure_Rogers                  ? 
_refine.ls_abs_structure_Rogers_esd              ? 
_refine.ls_d_res_high                            1.1000 
_refine.ls_d_res_low                             21.2200 
_refine.ls_extinction_coef                       ? 
_refine.ls_extinction_coef_esd                   ? 
_refine.ls_extinction_expression                 ? 
_refine.ls_extinction_method                     ? 
_refine.ls_goodness_of_fit_all                   ? 
_refine.ls_goodness_of_fit_all_esd               ? 
_refine.ls_goodness_of_fit_obs                   ? 
_refine.ls_goodness_of_fit_obs_esd               ? 
_refine.ls_hydrogen_treatment                    ? 
_refine.ls_matrix_type                           ? 
_refine.ls_number_constraints                    ? 
_refine.ls_number_parameters                     ? 
_refine.ls_number_reflns_all                     ? 
_refine.ls_number_reflns_obs                     1288 
_refine.ls_number_reflns_R_free                  144 
_refine.ls_number_reflns_R_work                  ? 
_refine.ls_number_restraints                     ? 
_refine.ls_percent_reflns_obs                    90.6900 
_refine.ls_percent_reflns_R_free                 10.1000 
_refine.ls_R_factor_all                          ? 
_refine.ls_R_factor_obs                          0.1994 
_refine.ls_R_factor_R_free                       0.2430 
_refine.ls_R_factor_R_free_error                 ? 
_refine.ls_R_factor_R_free_error_details         ? 
_refine.ls_R_factor_R_work                       0.1950 
_refine.ls_R_Fsqd_factor_obs                     ? 
_refine.ls_R_I_factor_obs                        ? 
_refine.ls_redundancy_reflns_all                 ? 
_refine.ls_redundancy_reflns_obs                 ? 
_refine.ls_restrained_S_all                      ? 
_refine.ls_restrained_S_obs                      ? 
_refine.ls_shift_over_esd_max                    ? 
_refine.ls_shift_over_esd_mean                   ? 
_refine.ls_structure_factor_coef                 ? 
_refine.ls_weighting_details                     ? 
_refine.ls_weighting_scheme                      ? 
_refine.ls_wR_factor_all                         ? 
_refine.ls_wR_factor_obs                         ? 
_refine.ls_wR_factor_R_free                      ? 
_refine.ls_wR_factor_R_work                      ? 
_refine.occupancy_max                            ? 
_refine.occupancy_min                            ? 
_refine.solvent_model_details                    ? 
_refine.solvent_model_param_bsol                 ? 
_refine.solvent_model_param_ksol                 ? 
_refine.ls_R_factor_gt                           ? 
_refine.ls_goodness_of_fit_gt                    ? 
_refine.ls_goodness_of_fit_ref                   ? 
_refine.ls_shift_over_su_max                     ? 
_refine.ls_shift_over_su_max_lt                  ? 
_refine.ls_shift_over_su_mean                    ? 
_refine.ls_shift_over_su_mean_lt                 ? 
_refine.pdbx_ls_sigma_I                          ? 
_refine.pdbx_ls_sigma_F                          0.000 
_refine.pdbx_ls_sigma_Fsqd                       ? 
_refine.pdbx_data_cutoff_high_absF               ? 
_refine.pdbx_data_cutoff_high_rms_absF           ? 
_refine.pdbx_data_cutoff_low_absF                ? 
_refine.pdbx_isotropic_thermal_model             ? 
_refine.pdbx_ls_cross_valid_method               THROUGHOUT 
_refine.pdbx_method_to_determine_struct          ? 
_refine.pdbx_starting_model                      ? 
_refine.pdbx_stereochemistry_target_values       ? 
_refine.pdbx_R_Free_selection_details            RANDOM 
_refine.pdbx_stereochem_target_val_spec_case     ? 
_refine.pdbx_overall_ESU_R                       0.0460 
_refine.pdbx_overall_ESU_R_Free                  0.0530 
_refine.pdbx_solvent_vdw_probe_radii             1.2000 
_refine.pdbx_solvent_ion_probe_radii             0.8000 
_refine.pdbx_solvent_shrinkage_radii             0.8000 
_refine.pdbx_real_space_R                        ? 
_refine.pdbx_density_correlation                 ? 
_refine.pdbx_pd_number_of_powder_patterns        ? 
_refine.pdbx_pd_number_of_points                 ? 
_refine.pdbx_pd_meas_number_of_points            ? 
_refine.pdbx_pd_proc_ls_prof_R_factor            ? 
_refine.pdbx_pd_proc_ls_prof_wR_factor           ? 
_refine.pdbx_pd_Marquardt_correlation_coeff      ? 
_refine.pdbx_pd_Fsqrd_R_factor                   ? 
_refine.pdbx_pd_ls_matrix_band_width             ? 
_refine.pdbx_overall_phase_error                 ? 
_refine.pdbx_overall_SU_R_free_Cruickshank_DPI   ? 
_refine.pdbx_overall_SU_R_free_Blow_DPI          ? 
_refine.pdbx_overall_SU_R_Blow_DPI               ? 
_refine.pdbx_TLS_residual_ADP_flag               ? 
_refine.pdbx_diffrn_id                           1 
_refine.overall_SU_B                             0.5210 
_refine.overall_SU_ML                            0.0260 
_refine.overall_SU_R_Cruickshank_DPI             0.0457 
_refine.overall_SU_R_free                        ? 
_refine.overall_FOM_free_R_set                   ? 
_refine.overall_FOM_work_R_set                   ? 
_refine.pdbx_average_fsc_overall                 ? 
_refine.pdbx_average_fsc_work                    ? 
_refine.pdbx_average_fsc_free                    ? 
# 
_refine_hist.cycle_id                         final 
_refine_hist.pdbx_refine_id                   'X-RAY DIFFRACTION' 
_refine_hist.d_res_high                       1.1000 
_refine_hist.d_res_low                        21.2200 
_refine_hist.pdbx_number_atoms_ligand         0 
_refine_hist.number_atoms_solvent             4 
_refine_hist.number_atoms_total               44 
_refine_hist.pdbx_number_residues_total       6 
_refine_hist.pdbx_B_iso_mean_solvent          19.98 
_refine_hist.pdbx_number_atoms_protein        40 
_refine_hist.pdbx_number_atoms_nucleic_acid   0 
# 
loop_
_refine_ls_restr.pdbx_refine_id 
_refine_ls_restr.criterion 
_refine_ls_restr.dev_ideal 
_refine_ls_restr.dev_ideal_target 
_refine_ls_restr.number 
_refine_ls_restr.rejects 
_refine_ls_restr.type 
_refine_ls_restr.weight 
_refine_ls_restr.pdbx_restraint_function 
'X-RAY DIFFRACTION' ? 0.010  0.020  39 ? r_bond_refined_d       ? ? 
'X-RAY DIFFRACTION' ? 0.002  0.020  37 ? r_bond_other_d         ? ? 
'X-RAY DIFFRACTION' ? 1.422  2.031  52 ? r_angle_refined_deg    ? ? 
'X-RAY DIFFRACTION' ? 0.736  3.000  86 ? r_angle_other_deg      ? ? 
'X-RAY DIFFRACTION' ? 3.505  5.000  5  ? r_dihedral_angle_1_deg ? ? 
'X-RAY DIFFRACTION' ? 61.942 30.000 1  ? r_dihedral_angle_2_deg ? ? 
'X-RAY DIFFRACTION' ? 8.839  15.000 6  ? r_dihedral_angle_3_deg ? ? 
'X-RAY DIFFRACTION' ? 0.100  0.200  7  ? r_chiral_restr         ? ? 
'X-RAY DIFFRACTION' ? 0.004  0.020  43 ? r_gen_planes_refined   ? ? 
'X-RAY DIFFRACTION' ? 0.000  0.020  5  ? r_gen_planes_other     ? ? 
# 
_refine_ls_shell.pdbx_refine_id                   'X-RAY DIFFRACTION' 
_refine_ls_shell.d_res_high                       1.1000 
_refine_ls_shell.d_res_low                        1.1290 
_refine_ls_shell.number_reflns_all                74 
_refine_ls_shell.number_reflns_obs                ? 
_refine_ls_shell.number_reflns_R_free             7 
_refine_ls_shell.number_reflns_R_work             67 
_refine_ls_shell.percent_reflns_obs               67.2700 
_refine_ls_shell.percent_reflns_R_free            ? 
_refine_ls_shell.R_factor_all                     ? 
_refine_ls_shell.R_factor_obs                     ? 
_refine_ls_shell.R_factor_R_free                  0.2750 
_refine_ls_shell.R_factor_R_free_error            0.0000 
_refine_ls_shell.R_factor_R_work                  0.2260 
_refine_ls_shell.redundancy_reflns_all            ? 
_refine_ls_shell.redundancy_reflns_obs            ? 
_refine_ls_shell.wR_factor_all                    ? 
_refine_ls_shell.wR_factor_obs                    ? 
_refine_ls_shell.wR_factor_R_free                 ? 
_refine_ls_shell.wR_factor_R_work                 ? 
_refine_ls_shell.pdbx_total_number_of_bins_used   20 
_refine_ls_shell.pdbx_phase_error                 ? 
_refine_ls_shell.pdbx_fsc_work                    ? 
_refine_ls_shell.pdbx_fsc_free                    ? 
# 
_struct.entry_id                     6CB9 
_struct.title                        'Segment AALQSS from the low complexity domain of TDP-43, residues 328-333' 
_struct.pdbx_model_details           ? 
_struct.pdbx_formula_weight          ? 
_struct.pdbx_formula_weight_method   ? 
_struct.pdbx_model_type_details      ? 
_struct.pdbx_CASP_flag               N 
# 
_struct_keywords.entry_id        6CB9 
_struct_keywords.text            'Amyloid, Steric-zipper, PROTEIN FIBRIL' 
_struct_keywords.pdbx_keywords   'PROTEIN FIBRIL' 
# 
loop_
_struct_asym.id 
_struct_asym.pdbx_blank_PDB_chainid_flag 
_struct_asym.pdbx_modified 
_struct_asym.entity_id 
_struct_asym.details 
A N N 1 ? 
B N N 2 ? 
# 
_struct_ref.id                         1 
_struct_ref.db_name                    PDB 
_struct_ref.db_code                    6CB9 
_struct_ref.pdbx_db_accession          6CB9 
_struct_ref.pdbx_db_isoform            ? 
_struct_ref.entity_id                  1 
_struct_ref.pdbx_seq_one_letter_code   ? 
_struct_ref.pdbx_align_begin           1 
# 
_struct_ref_seq.align_id                      1 
_struct_ref_seq.ref_id                        1 
_struct_ref_seq.pdbx_PDB_id_code              6CB9 
_struct_ref_seq.pdbx_strand_id                A 
_struct_ref_seq.seq_align_beg                 1 
_struct_ref_seq.pdbx_seq_align_beg_ins_code   ? 
_struct_ref_seq.seq_align_end                 6 
_struct_ref_seq.pdbx_seq_align_end_ins_code   ? 
_struct_ref_seq.pdbx_db_accession             6CB9 
_struct_ref_seq.db_align_beg                  328 
_struct_ref_seq.pdbx_db_align_beg_ins_code    ? 
_struct_ref_seq.db_align_end                  333 
_struct_ref_seq.pdbx_db_align_end_ins_code    ? 
_struct_ref_seq.pdbx_auth_seq_align_beg       328 
_struct_ref_seq.pdbx_auth_seq_align_end       333 
# 
_pdbx_struct_assembly.id                   1 
_pdbx_struct_assembly.details              author_defined_assembly 
_pdbx_struct_assembly.method_details       ? 
_pdbx_struct_assembly.oligomeric_details   decameric 
_pdbx_struct_assembly.oligomeric_count     10 
# 
_pdbx_struct_assembly_gen.assembly_id       1 
_pdbx_struct_assembly_gen.oper_expression   1,2,3,4,5,6,7,8,9,10 
_pdbx_struct_assembly_gen.asym_id_list      A,B 
# 
_pdbx_struct_assembly_auth_evidence.id                     1 
_pdbx_struct_assembly_auth_evidence.assembly_id            1 
_pdbx_struct_assembly_auth_evidence.experimental_support   none 
_pdbx_struct_assembly_auth_evidence.details                ? 
# 
loop_
_pdbx_struct_oper_list.id 
_pdbx_struct_oper_list.type 
_pdbx_struct_oper_list.name 
_pdbx_struct_oper_list.symmetry_operation 
_pdbx_struct_oper_list.matrix[1][1] 
_pdbx_struct_oper_list.matrix[1][2] 
_pdbx_struct_oper_list.matrix[1][3] 
_pdbx_struct_oper_list.vector[1] 
_pdbx_struct_oper_list.matrix[2][1] 
_pdbx_struct_oper_list.matrix[2][2] 
_pdbx_struct_oper_list.matrix[2][3] 
_pdbx_struct_oper_list.vector[2] 
_pdbx_struct_oper_list.matrix[3][1] 
_pdbx_struct_oper_list.matrix[3][2] 
_pdbx_struct_oper_list.matrix[3][3] 
_pdbx_struct_oper_list.vector[3] 
1  'identity operation'         1_555 x,y,z             1.0000000000 0.0000000000  0.0000000000  0.0000000000   0.0000000000  1.0000000000  0.0000000000 0.0000000000  0.0000000000  0.0000000000 1.0000000000  0.0000000000   
2  'crystal symmetry operation' 1_455 x-1,y,z           1.0000000000 0.0000000000  0.0000000000  -3.5351733123  0.0000000000  1.0000000000  0.0000000000 1.9172507404  0.0000000000  0.0000000000 1.0000000000  2.6020759501   
3  'crystal symmetry operation' 1_655 x+1,y,z           1.0000000000 0.0000000000  0.0000000000  3.5351733123   0.0000000000  1.0000000000  0.0000000000 -1.9172507404 0.0000000000  0.0000000000 1.0000000000  -2.6020759501  
4  'crystal symmetry operation' 1_355 x-2,y,z           1.0000000000 0.0000000000  0.0000000000  -7.0703466246  0.0000000000  1.0000000000  0.0000000000 3.8345014808  0.0000000000  0.0000000000 1.0000000000  5.2041519003   
5  'crystal symmetry operation' 1_755 x+2,y,z           1.0000000000 0.0000000000  0.0000000000  7.0703466246   0.0000000000  1.0000000000  0.0000000000 -3.8345014808 0.0000000000  0.0000000000 1.0000000000  -5.2041519003  
6  'crystal symmetry operation' 4_566 x+1/2,-y+3/2,-z+1 0.0893824860 -0.5908110277 -0.8018435638 -3.6776282842  -0.5908110277 -0.6795820798 0.4348684012 -5.6926198310 -0.8018435638 0.4348684012 -0.4098004062 -5.2108101520  
7  'crystal symmetry operation' 4_466 x-1/2,-y+3/2,-z+1 0.0893824860 -0.5908110277 -0.8018435638 -7.2128015966  -0.5908110277 -0.6795820798 0.4348684012 -3.7753690906 -0.8018435638 0.4348684012 -0.4098004062 -2.6087342019  
8  'crystal symmetry operation' 4_766 x+5/2,-y+3/2,-z+1 0.0893824860 -0.5908110277 -0.8018435638 3.3927183404   -0.5908110277 -0.6795820798 0.4348684012 -9.5271213118 -0.8018435638 0.4348684012 -0.4098004062 -10.4149620523 
9  'crystal symmetry operation' 4_666 x+3/2,-y+3/2,-z+1 0.0893824860 -0.5908110277 -0.8018435638 -0.1424549719  -0.5908110277 -0.6795820798 0.4348684012 -7.6098705714 -0.8018435638 0.4348684012 -0.4098004062 -7.8128861021  
10 'crystal symmetry operation' 4_366 x-3/2,-y+3/2,-z+1 0.0893824860 -0.5908110277 -0.8018435638 -10.7479749089 -0.5908110277 -0.6795820798 0.4348684012 -1.8581183502 -0.8018435638 0.4348684012 -0.4098004062 -0.0066582517 
# 
loop_
_chem_comp_atom.comp_id 
_chem_comp_atom.atom_id 
_chem_comp_atom.type_symbol 
_chem_comp_atom.pdbx_aromatic_flag 
_chem_comp_atom.pdbx_stereo_config 
_chem_comp_atom.pdbx_ordinal 
ALA N    N N N 1  
ALA CA   C N S 2  
ALA C    C N N 3  
ALA O    O N N 4  
ALA CB   C N N 5  
ALA OXT  O N N 6  
ALA H    H N N 7  
ALA H2   H N N 8  
ALA HA   H N N 9  
ALA HB1  H N N 10 
ALA HB2  H N N 11 
ALA HB3  H N N 12 
ALA HXT  H N N 13 
GLN N    N N N 14 
GLN CA   C N S 15 
GLN C    C N N 16 
GLN O    O N N 17 
GLN CB   C N N 18 
GLN CG   C N N 19 
GLN CD   C N N 20 
GLN OE1  O N N 21 
GLN NE2  N N N 22 
GLN OXT  O N N 23 
GLN H    H N N 24 
GLN H2   H N N 25 
GLN HA   H N N 26 
GLN HB2  H N N 27 
GLN HB3  H N N 28 
GLN HG2  H N N 29 
GLN HG3  H N N 30 
GLN HE21 H N N 31 
GLN HE22 H N N 32 
GLN HXT  H N N 33 
HOH O    O N N 34 
HOH H1   H N N 35 
HOH H2   H N N 36 
LEU N    N N N 37 
LEU CA   C N S 38 
LEU C    C N N 39 
LEU O    O N N 40 
LEU CB   C N N 41 
LEU CG   C N N 42 
LEU CD1  C N N 43 
LEU CD2  C N N 44 
LEU OXT  O N N 45 
LEU H    H N N 46 
LEU H2   H N N 47 
LEU HA   H N N 48 
LEU HB2  H N N 49 
LEU HB3  H N N 50 
LEU HG   H N N 51 
LEU HD11 H N N 52 
LEU HD12 H N N 53 
LEU HD13 H N N 54 
LEU HD21 H N N 55 
LEU HD22 H N N 56 
LEU HD23 H N N 57 
LEU HXT  H N N 58 
SER N    N N N 59 
SER CA   C N S 60 
SER C    C N N 61 
SER O    O N N 62 
SER CB   C N N 63 
SER OG   O N N 64 
SER OXT  O N N 65 
SER H    H N N 66 
SER H2   H N N 67 
SER HA   H N N 68 
SER HB2  H N N 69 
SER HB3  H N N 70 
SER HG   H N N 71 
SER HXT  H N N 72 
# 
loop_
_chem_comp_bond.comp_id 
_chem_comp_bond.atom_id_1 
_chem_comp_bond.atom_id_2 
_chem_comp_bond.value_order 
_chem_comp_bond.pdbx_aromatic_flag 
_chem_comp_bond.pdbx_stereo_config 
_chem_comp_bond.pdbx_ordinal 
ALA N   CA   sing N N 1  
ALA N   H    sing N N 2  
ALA N   H2   sing N N 3  
ALA CA  C    sing N N 4  
ALA CA  CB   sing N N 5  
ALA CA  HA   sing N N 6  
ALA C   O    doub N N 7  
ALA C   OXT  sing N N 8  
ALA CB  HB1  sing N N 9  
ALA CB  HB2  sing N N 10 
ALA CB  HB3  sing N N 11 
ALA OXT HXT  sing N N 12 
GLN N   CA   sing N N 13 
GLN N   H    sing N N 14 
GLN N   H2   sing N N 15 
GLN CA  C    sing N N 16 
GLN CA  CB   sing N N 17 
GLN CA  HA   sing N N 18 
GLN C   O    doub N N 19 
GLN C   OXT  sing N N 20 
GLN CB  CG   sing N N 21 
GLN CB  HB2  sing N N 22 
GLN CB  HB3  sing N N 23 
GLN CG  CD   sing N N 24 
GLN CG  HG2  sing N N 25 
GLN CG  HG3  sing N N 26 
GLN CD  OE1  doub N N 27 
GLN CD  NE2  sing N N 28 
GLN NE2 HE21 sing N N 29 
GLN NE2 HE22 sing N N 30 
GLN OXT HXT  sing N N 31 
HOH O   H1   sing N N 32 
HOH O   H2   sing N N 33 
LEU N   CA   sing N N 34 
LEU N   H    sing N N 35 
LEU N   H2   sing N N 36 
LEU CA  C    sing N N 37 
LEU CA  CB   sing N N 38 
LEU CA  HA   sing N N 39 
LEU C   O    doub N N 40 
LEU C   OXT  sing N N 41 
LEU CB  CG   sing N N 42 
LEU CB  HB2  sing N N 43 
LEU CB  HB3  sing N N 44 
LEU CG  CD1  sing N N 45 
LEU CG  CD2  sing N N 46 
LEU CG  HG   sing N N 47 
LEU CD1 HD11 sing N N 48 
LEU CD1 HD12 sing N N 49 
LEU CD1 HD13 sing N N 50 
LEU CD2 HD21 sing N N 51 
LEU CD2 HD22 sing N N 52 
LEU CD2 HD23 sing N N 53 
LEU OXT HXT  sing N N 54 
SER N   CA   sing N N 55 
SER N   H    sing N N 56 
SER N   H2   sing N N 57 
SER CA  C    sing N N 58 
SER CA  CB   sing N N 59 
SER CA  HA   sing N N 60 
SER C   O    doub N N 61 
SER C   OXT  sing N N 62 
SER CB  OG   sing N N 63 
SER CB  HB2  sing N N 64 
SER CB  HB3  sing N N 65 
SER OG  HG   sing N N 66 
SER OXT HXT  sing N N 67 
# 
_pdbx_audit_support.funding_organization   'National Institutes of Health/National Institute on Aging (NIH/NIA)' 
_pdbx_audit_support.country                'United States' 
_pdbx_audit_support.grant_number           AG029430 
_pdbx_audit_support.ordinal                1 
# 
_atom_sites.entry_id                    6CB9 
_atom_sites.fract_transf_matrix[1][1]   0.15407747 
_atom_sites.fract_transf_matrix[1][2]   -0.08356171 
_atom_sites.fract_transf_matrix[1][3]   -0.11340923 
_atom_sites.fract_transf_matrix[2][1]   -0.04160184 
_atom_sites.fract_transf_matrix[2][2]   -0.03579950 
_atom_sites.fract_transf_matrix[2][3]   -0.03014251 
_atom_sites.fract_transf_matrix[3][1]   -0.00277866 
_atom_sites.fract_transf_matrix[3][2]   0.01687912 
_atom_sites.fract_transf_matrix[3][3]   -0.01621188 
_atom_sites.fract_transf_vector[1]      0.472477 
_atom_sites.fract_transf_vector[2]      0.493067 
_atom_sites.fract_transf_vector[3]      0.500690 
# 
loop_
_atom_type.symbol 
C 
H 
N 
O 
# 
loop_
_atom_site.group_PDB 
_atom_site.id 
_atom_site.type_symbol 
_atom_site.label_atom_id 
_atom_site.label_alt_id 
_atom_site.label_comp_id 
_atom_site.label_asym_id 
_atom_site.label_entity_id 
_atom_site.label_seq_id 
_atom_site.pdbx_PDB_ins_code 
_atom_site.Cartn_x 
_atom_site.Cartn_y 
_atom_site.Cartn_z 
_atom_site.occupancy 
_atom_site.B_iso_or_equiv 
_atom_site.pdbx_formal_charge 
_atom_site.auth_seq_id 
_atom_site.auth_comp_id 
_atom_site.auth_asym_id 
_atom_site.auth_atom_id 
_atom_site.pdbx_PDB_model_num 
ATOM   1  N N    . ALA A 1 1 ? 0.067  -7.449 6.119  1.00 10.85 ? 328 ALA A N    1 
ATOM   2  C CA   . ALA A 1 1 ? 0.099  -7.038 4.669  1.00 10.01 ? 328 ALA A CA   1 
ATOM   3  C C    . ALA A 1 1 ? -0.069 -5.538 4.584  1.00 8.07  ? 328 ALA A C    1 
ATOM   4  O O    . ALA A 1 1 ? -0.922 -4.973 5.269  1.00 9.73  ? 328 ALA A O    1 
ATOM   5  C CB   . ALA A 1 1 ? -0.994 -7.714 3.876  1.00 12.80 ? 328 ALA A CB   1 
ATOM   6  H H1   . ALA A 1 1 ? -0.222 -8.418 6.192  1.00 10.59 ? 328 ALA A H1   1 
ATOM   7  H H2   . ALA A 1 1 ? -0.557 -6.897 6.608  1.00 10.58 ? 328 ALA A H2   1 
ATOM   8  H H3   . ALA A 1 1 ? 0.949  -7.348 6.497  1.00 10.58 ? 328 ALA A H3   1 
ATOM   9  H HA   . ALA A 1 1 ? 0.960  -7.297 4.290  1.00 10.21 ? 328 ALA A HA   1 
ATOM   10 H HB1  . ALA A 1 1 ? -0.864 -8.664 3.912  1.00 11.86 ? 328 ALA A HB1  1 
ATOM   11 H HB2  . ALA A 1 1 ? -0.952 -7.412 2.965  1.00 11.85 ? 328 ALA A HB2  1 
ATOM   12 H HB3  . ALA A 1 1 ? -1.845 -7.484 4.258  1.00 11.86 ? 328 ALA A HB3  1 
ATOM   13 N N    . ALA A 1 2 ? 0.727  -4.916 3.720  1.00 6.46  ? 329 ALA A N    1 
ATOM   14 C CA   . ALA A 1 2 ? 0.729  -3.470 3.579  1.00 5.65  ? 329 ALA A CA   1 
ATOM   15 C C    . ALA A 1 2 ? 0.599  -3.130 2.106  1.00 4.63  ? 329 ALA A C    1 
ATOM   16 O O    . ALA A 1 2 ? 1.361  -3.625 1.288  1.00 5.16  ? 329 ALA A O    1 
ATOM   17 C CB   . ALA A 1 2 ? 2.001  -2.893 4.154  1.00 5.93  ? 329 ALA A CB   1 
ATOM   18 H H    . ALA A 1 2 ? 1.382  -5.384 3.107  1.00 6.60  ? 329 ALA A H    1 
ATOM   19 H HA   . ALA A 1 2 ? -0.019 -3.068 4.065  1.00 5.64  ? 329 ALA A HA   1 
ATOM   20 H HB1  . ALA A 1 2 ? 2.081  -3.169 5.069  1.00 5.84  ? 329 ALA A HB1  1 
ATOM   21 H HB2  . ALA A 1 2 ? 1.959  -1.937 4.100  1.00 5.84  ? 329 ALA A HB2  1 
ATOM   22 H HB3  . ALA A 1 2 ? 2.749  -3.217 3.646  1.00 5.84  ? 329 ALA A HB3  1 
ATOM   23 N N    . LEU A 1 3 ? -0.401 -2.313 1.781  1.00 4.09  ? 330 LEU A N    1 
ATOM   24 C CA   . LEU A 1 3 ? -0.686 -1.910 0.391  1.00 3.83  ? 330 LEU A CA   1 
ATOM   25 C C    . LEU A 1 3 ? -0.692 -0.370 0.384  1.00 3.61  ? 330 LEU A C    1 
ATOM   26 O O    . LEU A 1 3 ? -1.444 0.253  1.160  1.00 3.47  ? 330 LEU A O    1 
ATOM   27 C CB   . LEU A 1 3 ? -2.056 -2.393 -0.062 1.00 4.46  ? 330 LEU A CB   1 
ATOM   28 C CG   . LEU A 1 3 ? -2.233 -3.895 -0.309 1.00 6.07  ? 330 LEU A CG   1 
ATOM   29 C CD1  . LEU A 1 3 ? -2.123 -4.749 0.950  1.00 8.52  ? 330 LEU A CD1  1 
ATOM   30 C CD2  . LEU A 1 3 ? -3.581 -4.128 -0.965 1.00 6.64  ? 330 LEU A CD2  1 
ATOM   31 H H    . LEU A 1 3 ? -1.043 -1.908 2.448  1.00 4.15  ? 330 LEU A H    1 
ATOM   32 H HA   . LEU A 1 3 ? -0.013 -2.245 -0.234 1.00 3.95  ? 330 LEU A HA   1 
ATOM   33 H HB2  . LEU A 1 3 ? -2.703 -2.136 0.614  1.00 4.64  ? 330 LEU A HB2  1 
ATOM   34 H HB3  . LEU A 1 3 ? -2.269 -1.939 -0.893 1.00 4.64  ? 330 LEU A HB3  1 
ATOM   35 H HG   . LEU A 1 3 ? -1.548 -4.191 -0.929 1.00 6.21  ? 330 LEU A HG   1 
ATOM   36 H HD11 . LEU A 1 3 ? -1.218 -5.070 1.026  1.00 7.66  ? 330 LEU A HD11 1 
ATOM   37 H HD12 . LEU A 1 3 ? -2.724 -5.501 0.890  1.00 7.66  ? 330 LEU A HD12 1 
ATOM   38 H HD13 . LEU A 1 3 ? -2.349 -4.213 1.719  1.00 7.65  ? 330 LEU A HD13 1 
ATOM   39 H HD21 . LEU A 1 3 ? -4.275 -3.898 -0.342 1.00 6.46  ? 330 LEU A HD21 1 
ATOM   40 H HD22 . LEU A 1 3 ? -3.654 -5.055 -1.209 1.00 6.46  ? 330 LEU A HD22 1 
ATOM   41 H HD23 . LEU A 1 3 ? -3.652 -3.581 -1.751 1.00 6.45  ? 330 LEU A HD23 1 
ATOM   42 N N    . GLN A 1 4 ? 0.108  0.216  -0.507 1.00 3.25  ? 331 GLN A N    1 
ATOM   43 C CA   . GLN A 1 4 ? 0.211  1.658  -0.585 1.00 3.57  ? 331 GLN A CA   1 
ATOM   44 C C    . GLN A 1 4 ? 0.215  2.070  -2.049 1.00 3.88  ? 331 GLN A C    1 
ATOM   45 O O    . GLN A 1 4 ? 1.022  1.593  -2.830 1.00 3.89  ? 331 GLN A O    1 
ATOM   46 C CB   . GLN A 1 4 ? 1.499  2.098  0.073  1.00 3.85  ? 331 GLN A CB   1 
ATOM   47 C CG   . GLN A 1 4 ? 1.699  3.611  0.091  1.00 4.20  ? 331 GLN A CG   1 
ATOM   48 C CD   . GLN A 1 4 ? 3.080  3.943  0.609  1.00 4.85  ? 331 GLN A CD   1 
ATOM   49 O OE1  . GLN A 1 4 ? 4.097  3.556  0.029  1.00 6.81  ? 331 GLN A OE1  1 
ATOM   50 N NE2  . GLN A 1 4 ? 3.127  4.650  1.717  1.00 4.56  ? 331 GLN A NE2  1 
ATOM   51 H H    . GLN A 1 4 ? 0.688  -0.277 -1.172 1.00 3.41  ? 331 GLN A H    1 
ATOM   52 H HA   . GLN A 1 4 ? -0.531 2.098  -0.126 1.00 3.62  ? 331 GLN A HA   1 
ATOM   53 H HB2  . GLN A 1 4 ? 1.499  1.790  0.993  1.00 3.86  ? 331 GLN A HB2  1 
ATOM   54 H HB3  . GLN A 1 4 ? 2.242  1.699  -0.407 1.00 3.87  ? 331 GLN A HB3  1 
ATOM   55 H HG2  . GLN A 1 4 ? 1.621  3.978  -0.800 1.00 4.26  ? 331 GLN A HG2  1 
ATOM   56 H HG3  . GLN A 1 4 ? 1.037  4.011  0.673  1.00 4.26  ? 331 GLN A HG3  1 
ATOM   57 H HE21 . GLN A 1 4 ? 3.884  4.909  2.078  0.00 9.62  ? 331 GLN A HE21 1 
ATOM   58 H HE22 . GLN A 1 4 ? 2.395  4.924  2.132  0.00 9.62  ? 331 GLN A HE22 1 
ATOM   59 N N    . SER A 1 5 ? -0.666 3.001  -2.393 1.00 4.56  ? 332 SER A N    1 
ATOM   60 C CA   . SER A 1 5 ? -0.724 3.602  -3.696 1.00 5.59  ? 332 SER A CA   1 
ATOM   61 C C    . SER A 1 5 ? -0.655 5.106  -3.570 1.00 6.24  ? 332 SER A C    1 
ATOM   62 O O    . SER A 1 5 ? -1.400 5.710  -2.798 1.00 7.23  ? 332 SER A O    1 
ATOM   63 C CB   . SER A 1 5 ? -2.042 3.220  -4.368 1.00 7.33  ? 332 SER A CB   1 
ATOM   64 O OG   . SER A 1 5 ? -2.304 3.972  -5.542 1.00 11.03 ? 332 SER A OG   1 
ATOM   65 H H    . SER A 1 5 ? -1.375 3.363  -1.769 1.00 4.61  ? 332 SER A H    1 
ATOM   66 H HA   . SER A 1 5 ? 0.005  3.287  -4.267 1.00 5.79  ? 332 SER A HA   1 
ATOM   67 H HB2  . SER A 1 5 ? -2.007 2.280  -4.605 1.00 7.59  ? 332 SER A HB2  1 
ATOM   68 H HB3  . SER A 1 5 ? -2.764 3.369  -3.738 1.00 7.59  ? 332 SER A HB3  1 
ATOM   69 H HG   . SER A 1 5 ? -2.581 4.743  -5.302 0.00 16.55 ? 332 SER A HG   1 
ATOM   70 N N    . SER A 1 6 ? 0.250  5.704  -4.335 1.00 7.89  ? 333 SER A N    1 
ATOM   71 C CA   . SER A 1 6 ? 0.371  7.158  -4.358 1.00 8.48  ? 333 SER A CA   1 
ATOM   72 C C    . SER A 1 6 ? 0.606  7.655  -5.777 1.00 10.11 ? 333 SER A C    1 
ATOM   73 O O    . SER A 1 6 ? 0.739  6.875  -6.727 1.00 11.34 ? 333 SER A O    1 
ATOM   74 C CB   . SER A 1 6 ? 1.500  7.578  -3.428 1.00 10.73 ? 333 SER A CB   1 
ATOM   75 O OG   . SER A 1 6 ? 2.750  7.172  -3.932 1.00 13.91 ? 333 SER A OG   1 
ATOM   76 O OXT  . SER A 1 6 ? 0.640  8.874  -6.012 1.00 11.86 ? 333 SER A OXT  1 
ATOM   77 H H    . SER A 1 6 ? 0.907  5.227  -4.938 1.00 7.59  ? 333 SER A H    1 
ATOM   78 H HA   . SER A 1 6 ? -0.451 7.586  -4.041 1.00 9.04  ? 333 SER A HA   1 
ATOM   79 H HB2  . SER A 1 6 ? 1.493  8.543  -3.336 1.00 10.82 ? 333 SER A HB2  1 
ATOM   80 H HB3  . SER A 1 6 ? 1.362  7.165  -2.561 1.00 10.80 ? 333 SER A HB3  1 
ATOM   81 H HG   . SER A 1 6 ? 3.351  7.406  -3.349 0.00 20.20 ? 333 SER A HG   1 
HETATM 82 O O    . HOH B 2 . ? -0.427 4.323  -7.389 1.00 11.85 ? 401 HOH A O    1 
HETATM 83 O O    . HOH B 2 . ? 1.595  10.914 -4.529 1.00 21.29 ? 402 HOH A O    1 
HETATM 84 O O    . HOH B 2 . ? 2.781  4.673  -2.869 1.00 21.49 ? 403 HOH A O    1 
HETATM 85 O O    . HOH B 2 . ? 1.686  -5.608 7.553  1.00 25.29 ? 404 HOH A O    1 
# 
